data_7HGI
#
_entry.id   7HGI
#
_cell.length_a   41.640
_cell.length_b   42.350
_cell.length_c   159.750
_cell.angle_alpha   90.00
_cell.angle_beta   90.00
_cell.angle_gamma   90.00
#
_symmetry.space_group_name_H-M   'P 21 21 21'
#
loop_
_entity.id
_entity.type
_entity.pdbx_description
1 polymer 'Hepatoma-derived growth factor-related protein 2'
2 non-polymer 'SULFATE ION'
3 non-polymer 1,2-ETHANEDIOL
4 non-polymer N~1~,N~1~,N~4~,N~4~-tetramethylpiperazine-1,4-dicarboxamide
5 water water
#
_entity_poly.entity_id   1
_entity_poly.type   'polypeptide(L)'
_entity_poly.pdbx_seq_one_letter_code
;GMPHAFKPGDLVFAKMKGYPHWPARIDDIADGAVKPPPNKYPIFFFGTHETAFLGPKDLFPYDKSKDKYGKPNKRKGFNE
GLWEIQNNPHASYS
;
_entity_poly.pdbx_strand_id   A,B,C
#
loop_
_chem_comp.id
_chem_comp.type
_chem_comp.name
_chem_comp.formula
A1A35 non-polymer N~1~,N~1~,N~4~,N~4~-tetramethylpiperazine-1,4-dicarboxamide 'C10 H20 N4 O2'
EDO non-polymer 1,2-ETHANEDIOL 'C2 H6 O2'
SO4 non-polymer 'SULFATE ION' 'O4 S -2'
#
# COMPACT_ATOMS: atom_id res chain seq x y z
N MET A 2 -10.13 -25.15 -8.06
CA MET A 2 -8.86 -25.09 -8.82
C MET A 2 -8.36 -23.65 -8.95
N PRO A 3 -7.03 -23.42 -8.96
CA PRO A 3 -6.43 -22.09 -9.08
C PRO A 3 -6.79 -21.21 -10.29
N HIS A 4 -6.89 -19.90 -10.05
CA HIS A 4 -7.09 -18.98 -11.17
C HIS A 4 -5.72 -18.38 -11.49
N ALA A 5 -5.64 -17.52 -12.51
CA ALA A 5 -4.45 -16.69 -12.66
C ALA A 5 -4.39 -15.68 -11.51
N PHE A 6 -3.20 -15.11 -11.30
CA PHE A 6 -3.00 -14.09 -10.29
C PHE A 6 -3.87 -12.87 -10.63
N LYS A 7 -4.44 -12.22 -9.60
CA LYS A 7 -5.17 -10.99 -9.85
C LYS A 7 -4.81 -9.97 -8.77
N PRO A 8 -5.06 -8.68 -9.01
CA PRO A 8 -4.83 -7.66 -7.98
C PRO A 8 -5.49 -8.05 -6.67
N GLY A 9 -4.78 -7.84 -5.54
CA GLY A 9 -5.29 -8.14 -4.21
C GLY A 9 -4.78 -9.50 -3.70
N ASP A 10 -4.31 -10.37 -4.62
CA ASP A 10 -3.82 -11.66 -4.16
C ASP A 10 -2.59 -11.50 -3.26
N LEU A 11 -2.54 -12.30 -2.19
CA LEU A 11 -1.42 -12.22 -1.24
C LEU A 11 -0.45 -13.35 -1.54
N VAL A 12 0.85 -13.02 -1.41
CA VAL A 12 1.91 -13.96 -1.81
C VAL A 12 3.11 -13.81 -0.91
N PHE A 13 4.03 -14.80 -1.01
CA PHE A 13 5.42 -14.51 -0.74
C PHE A 13 6.12 -14.41 -2.09
N ALA A 14 6.90 -13.31 -2.25
CA ALA A 14 7.53 -13.03 -3.53
C ALA A 14 9.05 -13.20 -3.40
N LYS A 15 9.66 -13.85 -4.41
CA LYS A 15 11.07 -14.17 -4.32
C LYS A 15 11.86 -13.30 -5.29
N MET A 16 12.89 -12.65 -4.73
CA MET A 16 13.86 -11.85 -5.47
C MET A 16 15.24 -12.46 -5.18
N LYS A 17 16.13 -12.43 -6.16
CA LYS A 17 17.54 -12.81 -6.01
C LYS A 17 18.13 -12.19 -4.76
N GLY A 18 18.72 -13.04 -3.90
CA GLY A 18 19.46 -12.53 -2.75
C GLY A 18 18.58 -12.13 -1.57
N TYR A 19 17.28 -12.36 -1.66
CA TYR A 19 16.44 -12.01 -0.54
C TYR A 19 15.60 -13.22 -0.17
N PRO A 20 15.13 -13.34 1.08
CA PRO A 20 14.24 -14.45 1.47
C PRO A 20 12.87 -14.18 0.82
N HIS A 21 12.11 -15.24 0.56
CA HIS A 21 10.71 -15.14 0.16
C HIS A 21 9.99 -14.12 1.04
N TRP A 22 9.36 -13.09 0.42
CA TRP A 22 9.04 -11.84 1.11
C TRP A 22 7.54 -11.58 1.09
N PRO A 23 6.86 -11.23 2.22
CA PRO A 23 5.41 -10.97 2.17
C PRO A 23 5.10 -9.85 1.17
N ALA A 24 4.06 -10.06 0.35
CA ALA A 24 3.79 -9.13 -0.74
C ALA A 24 2.36 -9.28 -1.24
N ARG A 25 1.94 -8.33 -2.07
CA ARG A 25 0.64 -8.49 -2.71
C ARG A 25 0.82 -8.16 -4.18
N ILE A 26 -0.12 -8.68 -4.99
CA ILE A 26 -0.28 -8.19 -6.35
C ILE A 26 -0.98 -6.84 -6.28
N ASP A 27 -0.38 -5.82 -6.88
CA ASP A 27 -1.00 -4.49 -6.88
C ASP A 27 -1.90 -4.27 -8.09
N ASP A 28 -2.81 -3.27 -7.97
CA ASP A 28 -3.44 -2.73 -9.16
C ASP A 28 -2.45 -1.79 -9.85
N ILE A 29 -2.74 -1.44 -11.11
CA ILE A 29 -2.01 -0.35 -11.73
C ILE A 29 -2.99 0.83 -11.77
N ALA A 30 -2.62 1.97 -11.19
CA ALA A 30 -3.46 3.16 -11.18
C ALA A 30 -3.60 3.73 -12.59
N ASP A 31 -4.77 4.33 -12.88
CA ASP A 31 -4.92 5.13 -14.09
C ASP A 31 -3.68 6.01 -14.27
N GLY A 32 -3.09 5.92 -15.46
CA GLY A 32 -2.03 6.83 -15.87
C GLY A 32 -0.65 6.45 -15.37
N ALA A 33 -0.55 5.34 -14.63
CA ALA A 33 0.71 4.89 -14.04
C ALA A 33 1.41 3.91 -14.98
N VAL A 34 2.72 3.75 -14.78
CA VAL A 34 3.53 2.82 -15.56
C VAL A 34 3.04 1.38 -15.42
N LYS A 35 2.87 0.71 -16.57
CA LYS A 35 2.42 -0.67 -16.68
C LYS A 35 3.63 -1.60 -16.56
N PRO A 36 3.46 -2.87 -16.12
CA PRO A 36 4.60 -3.79 -16.05
C PRO A 36 4.89 -4.35 -17.43
N PRO A 37 6.10 -4.91 -17.66
CA PRO A 37 6.37 -5.65 -18.89
C PRO A 37 5.33 -6.76 -19.10
N PRO A 38 5.21 -7.30 -20.33
CA PRO A 38 4.43 -8.50 -20.60
C PRO A 38 4.73 -9.66 -19.64
N ASN A 39 3.66 -10.31 -19.19
CA ASN A 39 3.72 -11.50 -18.37
C ASN A 39 4.27 -11.19 -16.96
N LYS A 40 4.45 -9.89 -16.63
CA LYS A 40 4.88 -9.56 -15.26
C LYS A 40 3.75 -8.87 -14.50
N TYR A 41 3.83 -8.96 -13.18
CA TYR A 41 2.84 -8.38 -12.28
C TYR A 41 3.50 -7.30 -11.44
N PRO A 42 2.75 -6.27 -11.01
CA PRO A 42 3.35 -5.29 -10.09
C PRO A 42 3.24 -5.87 -8.69
N ILE A 43 4.39 -6.06 -8.04
CA ILE A 43 4.39 -6.67 -6.71
C ILE A 43 4.74 -5.58 -5.70
N PHE A 44 3.87 -5.43 -4.69
CA PHE A 44 4.11 -4.50 -3.61
C PHE A 44 4.61 -5.34 -2.42
N PHE A 45 5.80 -4.99 -1.95
CA PHE A 45 6.42 -5.70 -0.84
C PHE A 45 6.04 -5.01 0.48
N PHE A 46 5.43 -5.80 1.37
CA PHE A 46 5.09 -5.31 2.71
C PHE A 46 6.37 -4.96 3.46
N GLY A 47 6.23 -4.03 4.41
CA GLY A 47 7.37 -3.68 5.24
C GLY A 47 8.25 -2.66 4.54
N THR A 48 8.90 -3.04 3.43
CA THR A 48 9.72 -2.12 2.65
C THR A 48 8.86 -1.14 1.87
N HIS A 49 7.65 -1.58 1.45
CA HIS A 49 6.75 -0.77 0.64
C HIS A 49 7.38 -0.49 -0.72
N GLU A 50 8.31 -1.35 -1.16
CA GLU A 50 8.88 -1.26 -2.51
C GLU A 50 8.05 -2.04 -3.54
N THR A 51 8.20 -1.65 -4.81
CA THR A 51 7.50 -2.35 -5.87
C THR A 51 8.53 -2.91 -6.84
N ALA A 52 8.32 -4.14 -7.31
CA ALA A 52 9.10 -4.70 -8.41
C ALA A 52 8.17 -5.45 -9.33
N PHE A 53 8.64 -5.78 -10.55
CA PHE A 53 7.83 -6.53 -11.51
C PHE A 53 8.31 -7.97 -11.56
N LEU A 54 7.38 -8.91 -11.31
CA LEU A 54 7.83 -10.29 -11.18
C LEU A 54 6.85 -11.16 -11.96
N GLY A 55 7.34 -12.32 -12.42
CA GLY A 55 6.45 -13.28 -13.08
C GLY A 55 6.04 -14.38 -12.09
N PRO A 56 5.04 -15.23 -12.45
CA PRO A 56 4.52 -16.28 -11.56
C PRO A 56 5.53 -17.22 -10.93
N LYS A 57 6.70 -17.40 -11.57
CA LYS A 57 7.65 -18.36 -11.02
C LYS A 57 8.17 -17.91 -9.66
N ASP A 58 8.07 -16.58 -9.40
CA ASP A 58 8.60 -16.02 -8.19
C ASP A 58 7.49 -15.76 -7.16
N LEU A 59 6.27 -16.20 -7.42
CA LEU A 59 5.09 -15.81 -6.61
C LEU A 59 4.49 -17.06 -5.97
N PHE A 60 4.57 -17.11 -4.63
CA PHE A 60 4.02 -18.25 -3.90
C PHE A 60 2.78 -17.81 -3.12
N PRO A 61 1.60 -18.39 -3.38
CA PRO A 61 0.37 -18.01 -2.65
C PRO A 61 0.50 -18.05 -1.14
N TYR A 62 0.00 -17.00 -0.49
CA TYR A 62 0.32 -16.78 0.91
C TYR A 62 -0.20 -17.93 1.79
N ASP A 63 -1.44 -18.36 1.58
CA ASP A 63 -2.01 -19.31 2.53
C ASP A 63 -1.21 -20.61 2.56
N LYS A 64 -0.95 -21.16 1.36
CA LYS A 64 -0.14 -22.37 1.17
C LYS A 64 1.26 -22.25 1.77
N SER A 65 1.90 -21.06 1.78
CA SER A 65 3.35 -20.97 1.99
C SER A 65 3.72 -20.35 3.35
N LYS A 66 2.74 -19.84 4.10
CA LYS A 66 3.08 -19.03 5.26
C LYS A 66 3.74 -19.86 6.36
N ASP A 67 3.40 -21.16 6.42
N ASP A 67 3.37 -21.15 6.45
CA ASP A 67 4.01 -22.03 7.41
CA ASP A 67 4.02 -22.04 7.41
C ASP A 67 5.51 -22.17 7.19
C ASP A 67 5.53 -22.00 7.18
N LYS A 68 5.92 -22.17 5.91
CA LYS A 68 7.33 -22.24 5.58
C LYS A 68 7.98 -20.85 5.62
N TYR A 69 7.28 -19.81 5.13
CA TYR A 69 8.01 -18.60 4.81
C TYR A 69 7.70 -17.47 5.79
N GLY A 70 6.67 -17.67 6.62
CA GLY A 70 6.19 -16.59 7.46
C GLY A 70 6.83 -16.65 8.85
N LYS A 71 8.16 -16.59 8.91
CA LYS A 71 8.85 -16.57 10.18
C LYS A 71 9.69 -15.31 10.21
N PRO A 72 10.03 -14.77 11.40
CA PRO A 72 10.83 -13.53 11.49
C PRO A 72 12.20 -13.63 10.83
N ASN A 73 12.65 -12.52 10.27
CA ASN A 73 13.88 -12.45 9.49
C ASN A 73 14.58 -11.17 9.91
N LYS A 74 15.91 -11.18 9.89
CA LYS A 74 16.66 -10.04 10.37
C LYS A 74 16.64 -8.91 9.34
N ARG A 75 16.20 -9.20 8.11
CA ARG A 75 16.35 -8.21 7.05
C ARG A 75 15.41 -7.02 7.28
N LYS A 76 15.86 -5.84 6.86
CA LYS A 76 15.17 -4.58 7.11
C LYS A 76 13.77 -4.61 6.50
N GLY A 77 12.76 -4.38 7.33
CA GLY A 77 11.39 -4.25 6.82
C GLY A 77 10.62 -5.57 6.89
N PHE A 78 11.30 -6.68 7.14
CA PHE A 78 10.67 -7.98 6.95
C PHE A 78 9.59 -8.23 8.02
N ASN A 79 9.94 -7.94 9.27
CA ASN A 79 9.00 -8.24 10.36
C ASN A 79 7.82 -7.27 10.37
N GLU A 80 8.05 -6.02 9.94
CA GLU A 80 6.96 -5.09 9.67
C GLU A 80 6.06 -5.67 8.55
N GLY A 81 6.69 -6.21 7.50
CA GLY A 81 5.95 -6.84 6.39
C GLY A 81 5.08 -8.02 6.83
N LEU A 82 5.59 -8.84 7.77
CA LEU A 82 4.80 -9.93 8.30
C LEU A 82 3.56 -9.42 9.01
N TRP A 83 3.67 -8.25 9.69
CA TRP A 83 2.53 -7.74 10.44
C TRP A 83 1.49 -7.26 9.43
N GLU A 84 1.95 -6.58 8.38
CA GLU A 84 1.08 -5.97 7.40
C GLU A 84 0.29 -7.04 6.66
N ILE A 85 0.96 -8.09 6.20
CA ILE A 85 0.24 -9.10 5.41
C ILE A 85 -0.81 -9.84 6.27
N GLN A 86 -0.52 -10.01 7.56
CA GLN A 86 -1.44 -10.71 8.46
C GLN A 86 -2.60 -9.82 8.88
N ASN A 87 -2.35 -8.51 9.14
CA ASN A 87 -3.26 -7.65 9.88
C ASN A 87 -3.98 -6.61 9.03
N ASN A 88 -3.35 -6.11 7.95
CA ASN A 88 -4.04 -5.15 7.09
C ASN A 88 -3.44 -5.21 5.68
N PRO A 89 -3.59 -6.37 5.00
CA PRO A 89 -2.95 -6.58 3.71
C PRO A 89 -3.47 -5.69 2.57
N HIS A 90 -4.68 -5.14 2.70
CA HIS A 90 -5.28 -4.42 1.59
C HIS A 90 -5.29 -2.92 1.86
N ALA A 91 -4.55 -2.48 2.88
CA ALA A 91 -4.54 -1.04 3.22
C ALA A 91 -3.73 -0.24 2.20
N SER A 92 -3.96 1.09 2.22
CA SER A 92 -3.04 1.98 1.54
C SER A 92 -1.79 2.19 2.39
N TYR A 93 -0.62 2.00 1.77
CA TYR A 93 0.64 2.14 2.46
C TYR A 93 1.46 3.25 1.80
N SER A 94 0.82 4.01 0.91
CA SER A 94 1.39 5.25 0.43
C SER A 94 1.47 6.26 1.59
N MET B 2 -21.00 33.14 -21.94
CA MET B 2 -19.99 34.02 -22.59
C MET B 2 -18.90 33.13 -23.18
N PRO B 3 -18.67 33.14 -24.52
CA PRO B 3 -17.60 32.33 -25.13
C PRO B 3 -16.28 32.60 -24.43
N HIS B 4 -15.44 31.57 -24.32
CA HIS B 4 -14.13 31.71 -23.72
C HIS B 4 -13.05 31.30 -24.72
N ALA B 5 -11.78 31.46 -24.34
CA ALA B 5 -10.67 31.04 -25.20
C ALA B 5 -10.88 29.61 -25.68
N PHE B 6 -11.29 28.77 -24.72
CA PHE B 6 -11.60 27.37 -24.96
C PHE B 6 -13.10 27.16 -24.79
N LYS B 7 -13.70 26.36 -25.66
CA LYS B 7 -15.14 26.11 -25.60
C LYS B 7 -15.35 24.59 -25.53
N PRO B 8 -16.46 24.12 -24.90
CA PRO B 8 -16.81 22.69 -24.89
C PRO B 8 -16.60 22.01 -26.22
N GLY B 9 -15.90 20.87 -26.18
CA GLY B 9 -15.63 20.06 -27.38
C GLY B 9 -14.24 20.30 -27.97
N ASP B 10 -13.54 21.37 -27.53
CA ASP B 10 -12.18 21.56 -28.03
C ASP B 10 -11.30 20.38 -27.57
N LEU B 11 -10.44 19.91 -28.45
CA LEU B 11 -9.55 18.80 -28.12
C LEU B 11 -8.22 19.42 -27.68
N VAL B 12 -7.57 18.83 -26.66
CA VAL B 12 -6.28 19.35 -26.17
C VAL B 12 -5.42 18.20 -25.70
N PHE B 13 -4.12 18.47 -25.45
CA PHE B 13 -3.40 17.68 -24.46
C PHE B 13 -3.43 18.45 -23.16
N ALA B 14 -3.72 17.76 -22.04
CA ALA B 14 -3.80 18.40 -20.74
C ALA B 14 -2.67 17.88 -19.85
N LYS B 15 -2.07 18.80 -19.09
CA LYS B 15 -0.89 18.46 -18.30
C LYS B 15 -1.24 18.49 -16.80
N MET B 16 -0.94 17.36 -16.14
CA MET B 16 -1.00 17.29 -14.69
C MET B 16 0.33 16.80 -14.14
N LYS B 17 0.70 17.33 -12.99
CA LYS B 17 1.96 16.93 -12.35
C LYS B 17 1.98 15.41 -12.21
N GLY B 18 3.08 14.78 -12.66
CA GLY B 18 3.23 13.33 -12.50
C GLY B 18 2.82 12.54 -13.72
N TYR B 19 2.27 13.22 -14.74
CA TYR B 19 1.77 12.52 -15.92
C TYR B 19 2.24 13.23 -17.19
N PRO B 20 2.40 12.52 -18.31
CA PRO B 20 2.76 13.20 -19.55
C PRO B 20 1.53 13.97 -20.03
N HIS B 21 1.74 14.97 -20.89
CA HIS B 21 0.64 15.66 -21.61
C HIS B 21 -0.37 14.64 -22.16
N TRP B 22 -1.65 14.80 -21.82
CA TRP B 22 -2.57 13.67 -21.95
C TRP B 22 -3.73 14.04 -22.85
N PRO B 23 -4.12 13.20 -23.85
CA PRO B 23 -5.20 13.55 -24.79
C PRO B 23 -6.48 13.72 -24.00
N ALA B 24 -7.19 14.83 -24.25
CA ALA B 24 -8.32 15.25 -23.42
C ALA B 24 -9.21 16.18 -24.22
N ARG B 25 -10.35 16.53 -23.60
CA ARG B 25 -11.32 17.46 -24.18
C ARG B 25 -11.87 18.40 -23.10
N ILE B 26 -12.27 19.60 -23.54
CA ILE B 26 -13.02 20.50 -22.68
C ILE B 26 -14.44 19.95 -22.63
N ASP B 27 -14.96 19.80 -21.42
CA ASP B 27 -16.34 19.37 -21.20
C ASP B 27 -17.26 20.57 -20.93
N ASP B 28 -18.58 20.35 -21.08
N ASP B 28 -18.58 20.37 -21.06
CA ASP B 28 -19.63 21.29 -20.72
CA ASP B 28 -19.54 21.39 -20.69
C ASP B 28 -20.00 21.10 -19.25
C ASP B 28 -19.79 21.30 -19.19
N ILE B 29 -20.77 22.05 -18.69
CA ILE B 29 -21.16 22.00 -17.28
C ILE B 29 -22.64 21.58 -17.19
N VAL B 34 -21.28 21.60 -9.61
CA VAL B 34 -19.95 22.01 -9.05
C VAL B 34 -19.18 22.71 -10.17
N LYS B 35 -19.27 24.04 -10.21
CA LYS B 35 -18.65 24.83 -11.26
C LYS B 35 -17.13 24.84 -11.06
N PRO B 36 -16.31 24.89 -12.16
CA PRO B 36 -14.85 24.98 -12.02
C PRO B 36 -14.48 26.14 -11.10
N PRO B 37 -13.29 26.13 -10.44
CA PRO B 37 -12.80 27.33 -9.77
C PRO B 37 -12.62 28.40 -10.86
N PRO B 38 -12.48 29.70 -10.50
CA PRO B 38 -12.24 30.74 -11.49
C PRO B 38 -11.06 30.40 -12.41
N ASN B 39 -11.16 30.75 -13.70
CA ASN B 39 -10.05 30.63 -14.65
C ASN B 39 -9.82 29.20 -15.14
N LYS B 40 -10.54 28.22 -14.61
CA LYS B 40 -10.26 26.82 -14.91
C LYS B 40 -11.42 26.22 -15.70
N TYR B 41 -11.17 25.08 -16.34
CA TYR B 41 -12.12 24.45 -17.24
C TYR B 41 -12.31 23.00 -16.81
N PRO B 42 -13.51 22.40 -17.02
CA PRO B 42 -13.66 20.95 -16.81
C PRO B 42 -12.95 20.18 -17.91
N ILE B 43 -11.99 19.34 -17.50
CA ILE B 43 -11.27 18.47 -18.42
C ILE B 43 -11.75 17.03 -18.31
N PHE B 44 -11.96 16.37 -19.46
CA PHE B 44 -12.21 14.93 -19.49
C PHE B 44 -11.00 14.30 -20.17
N PHE B 45 -10.35 13.35 -19.47
CA PHE B 45 -9.17 12.68 -19.99
C PHE B 45 -9.58 11.40 -20.71
N PHE B 46 -9.22 11.33 -22.00
CA PHE B 46 -9.50 10.15 -22.77
C PHE B 46 -8.70 8.95 -22.22
N GLY B 47 -9.21 7.75 -22.47
CA GLY B 47 -8.53 6.53 -22.05
C GLY B 47 -8.83 6.22 -20.60
N THR B 48 -8.47 7.12 -19.70
CA THR B 48 -8.78 6.92 -18.30
C THR B 48 -10.23 7.26 -18.01
N HIS B 49 -10.79 8.22 -18.76
CA HIS B 49 -12.14 8.69 -18.53
C HIS B 49 -12.30 9.40 -17.19
N GLU B 50 -11.21 9.91 -16.62
CA GLU B 50 -11.29 10.66 -15.36
C GLU B 50 -11.44 12.15 -15.68
N THR B 51 -11.63 12.98 -14.65
CA THR B 51 -11.87 14.41 -14.86
C THR B 51 -11.02 15.21 -13.89
N ALA B 52 -10.77 16.48 -14.26
CA ALA B 52 -10.14 17.45 -13.38
C ALA B 52 -10.45 18.86 -13.87
N PHE B 53 -10.20 19.85 -13.00
CA PHE B 53 -10.26 21.24 -13.42
C PHE B 53 -8.83 21.73 -13.69
N LEU B 54 -8.58 22.25 -14.90
CA LEU B 54 -7.27 22.82 -15.22
C LEU B 54 -7.46 24.23 -15.79
N GLY B 55 -6.40 25.04 -15.65
CA GLY B 55 -6.28 26.36 -16.25
C GLY B 55 -5.54 26.29 -17.59
N PRO B 56 -5.61 27.34 -18.45
CA PRO B 56 -4.93 27.34 -19.75
C PRO B 56 -3.45 27.02 -19.83
N LYS B 57 -2.69 27.30 -18.77
CA LYS B 57 -1.25 27.06 -18.82
C LYS B 57 -0.98 25.57 -19.00
N ASP B 58 -1.96 24.73 -18.65
CA ASP B 58 -1.80 23.29 -18.72
C ASP B 58 -2.59 22.70 -19.89
N LEU B 59 -3.07 23.56 -20.80
CA LEU B 59 -3.94 23.12 -21.89
C LEU B 59 -3.31 23.46 -23.23
N PHE B 60 -3.11 22.43 -24.03
CA PHE B 60 -2.39 22.54 -25.28
C PHE B 60 -3.33 22.13 -26.41
N PRO B 61 -3.80 23.07 -27.24
CA PRO B 61 -4.58 22.69 -28.44
C PRO B 61 -4.07 21.46 -29.21
N TYR B 62 -4.99 20.51 -29.51
CA TYR B 62 -4.64 19.20 -30.04
C TYR B 62 -3.95 19.27 -31.40
N ASP B 63 -4.53 20.01 -32.36
CA ASP B 63 -3.96 20.10 -33.70
C ASP B 63 -2.52 20.59 -33.64
N LYS B 64 -2.33 21.77 -33.03
CA LYS B 64 -0.99 22.33 -32.90
C LYS B 64 -0.04 21.31 -32.28
N SER B 65 -0.50 20.52 -31.30
CA SER B 65 0.47 19.86 -30.42
C SER B 65 0.57 18.34 -30.60
N LYS B 66 -0.24 17.78 -31.50
CA LYS B 66 -0.34 16.32 -31.58
C LYS B 66 0.96 15.65 -32.04
N ASP B 67 1.75 16.30 -32.89
CA ASP B 67 2.92 15.57 -33.35
C ASP B 67 3.96 15.47 -32.21
N LYS B 68 3.95 16.48 -31.33
CA LYS B 68 4.88 16.52 -30.22
C LYS B 68 4.43 15.61 -29.08
N TYR B 69 3.13 15.64 -28.73
CA TYR B 69 2.70 14.95 -27.51
C TYR B 69 1.95 13.65 -27.79
N GLY B 70 1.62 13.39 -29.06
CA GLY B 70 0.69 12.31 -29.36
C GLY B 70 1.38 10.99 -29.71
N LYS B 71 2.50 10.69 -29.04
CA LYS B 71 3.22 9.45 -29.25
C LYS B 71 2.81 8.46 -28.18
N PRO B 72 2.62 7.16 -28.52
CA PRO B 72 2.35 6.14 -27.51
C PRO B 72 3.45 6.04 -26.45
N ASN B 73 3.06 5.63 -25.24
CA ASN B 73 3.96 5.36 -24.13
C ASN B 73 3.41 4.14 -23.38
N LYS B 74 3.95 3.87 -22.18
CA LYS B 74 3.55 2.70 -21.40
C LYS B 74 2.68 3.10 -20.19
N ARG B 75 2.10 4.31 -20.21
CA ARG B 75 1.24 4.71 -19.10
C ARG B 75 -0.15 4.10 -19.33
N LYS B 76 -0.78 3.60 -18.25
CA LYS B 76 -2.09 2.95 -18.31
C LYS B 76 -3.18 3.92 -18.79
N GLY B 77 -3.82 3.53 -19.89
CA GLY B 77 -4.94 4.28 -20.48
C GLY B 77 -4.52 5.25 -21.59
N PHE B 78 -3.21 5.46 -21.79
CA PHE B 78 -2.75 6.49 -22.72
C PHE B 78 -3.02 6.10 -24.17
N ASN B 79 -2.67 4.87 -24.54
CA ASN B 79 -2.85 4.48 -25.94
C ASN B 79 -4.36 4.41 -26.25
N GLU B 80 -5.15 4.03 -25.27
CA GLU B 80 -6.60 3.99 -25.46
C GLU B 80 -7.07 5.43 -25.72
N GLY B 81 -6.57 6.37 -24.90
CA GLY B 81 -6.90 7.79 -25.02
C GLY B 81 -6.53 8.34 -26.41
N LEU B 82 -5.37 7.94 -26.92
CA LEU B 82 -4.97 8.32 -28.27
C LEU B 82 -5.98 7.81 -29.29
N TRP B 83 -6.47 6.57 -29.10
CA TRP B 83 -7.48 6.01 -29.97
C TRP B 83 -8.77 6.85 -29.94
N GLU B 84 -9.21 7.25 -28.74
CA GLU B 84 -10.47 7.95 -28.54
C GLU B 84 -10.41 9.35 -29.13
N ILE B 85 -9.31 10.08 -28.90
CA ILE B 85 -9.28 11.48 -29.36
C ILE B 85 -9.29 11.52 -30.90
N GLN B 86 -8.66 10.52 -31.49
CA GLN B 86 -8.55 10.31 -32.94
C GLN B 86 -9.90 9.89 -33.53
N ASN B 87 -10.65 9.03 -32.84
CA ASN B 87 -11.64 8.26 -33.60
C ASN B 87 -13.07 8.60 -33.20
N ASN B 88 -13.26 9.02 -31.94
CA ASN B 88 -14.57 9.37 -31.41
C ASN B 88 -14.43 10.36 -30.24
N PRO B 89 -13.81 11.54 -30.48
CA PRO B 89 -13.55 12.51 -29.39
C PRO B 89 -14.80 13.01 -28.68
N HIS B 90 -15.98 12.94 -29.35
CA HIS B 90 -17.16 13.61 -28.82
C HIS B 90 -18.19 12.61 -28.25
N ALA B 91 -17.80 11.33 -28.13
CA ALA B 91 -18.74 10.34 -27.61
C ALA B 91 -19.00 10.50 -26.11
N SER B 92 -20.13 9.90 -25.68
CA SER B 92 -20.41 9.65 -24.27
C SER B 92 -19.57 8.46 -23.81
N TYR B 93 -18.79 8.68 -22.75
CA TYR B 93 -17.91 7.69 -22.16
C TYR B 93 -18.47 7.30 -20.79
N SER B 94 -19.74 7.67 -20.56
CA SER B 94 -20.48 7.30 -19.37
C SER B 94 -20.37 5.78 -19.18
N HIS C 4 -7.54 -4.85 37.05
CA HIS C 4 -7.80 -6.14 36.35
C HIS C 4 -7.30 -7.28 37.24
N ALA C 5 -6.58 -8.24 36.62
CA ALA C 5 -6.25 -9.56 37.15
C ALA C 5 -5.24 -10.24 36.22
N PHE C 6 -4.06 -10.61 36.73
CA PHE C 6 -3.04 -11.13 35.83
C PHE C 6 -2.41 -12.39 36.39
N LYS C 7 -2.48 -13.49 35.62
CA LYS C 7 -1.84 -14.75 35.98
C LYS C 7 -0.64 -14.94 35.06
N PRO C 8 0.35 -15.81 35.38
CA PRO C 8 1.43 -16.13 34.44
C PRO C 8 0.86 -16.60 33.10
N GLY C 9 1.60 -16.33 32.01
CA GLY C 9 1.16 -16.71 30.68
C GLY C 9 0.29 -15.67 29.97
N ASP C 10 -0.44 -14.84 30.74
CA ASP C 10 -1.34 -13.83 30.19
C ASP C 10 -0.55 -12.85 29.29
N LEU C 11 -1.12 -12.59 28.10
CA LEU C 11 -0.56 -11.70 27.09
C LEU C 11 -1.02 -10.26 27.31
N VAL C 12 -0.06 -9.32 27.26
CA VAL C 12 -0.34 -7.92 27.55
C VAL C 12 0.47 -7.03 26.60
N PHE C 13 0.12 -5.72 26.56
CA PHE C 13 1.07 -4.65 26.26
C PHE C 13 1.53 -4.03 27.57
N ALA C 14 2.85 -3.82 27.71
CA ALA C 14 3.45 -3.35 28.95
C ALA C 14 4.17 -2.04 28.69
N LYS C 15 3.90 -1.02 29.52
CA LYS C 15 4.46 0.32 29.34
C LYS C 15 5.56 0.60 30.35
N MET C 16 6.78 0.82 29.84
CA MET C 16 7.86 1.35 30.66
C MET C 16 8.23 2.76 30.18
N LYS C 17 8.69 3.58 31.13
CA LYS C 17 9.18 4.90 30.77
C LYS C 17 10.31 4.74 29.74
N GLY C 18 10.16 5.47 28.64
CA GLY C 18 11.22 5.52 27.63
C GLY C 18 10.96 4.59 26.46
N TYR C 19 9.78 3.93 26.46
CA TYR C 19 9.44 2.93 25.44
C TYR C 19 7.94 2.97 25.13
N PRO C 20 7.56 2.62 23.88
CA PRO C 20 6.15 2.49 23.50
C PRO C 20 5.54 1.30 24.24
N HIS C 21 4.21 1.29 24.26
CA HIS C 21 3.46 0.15 24.80
C HIS C 21 3.94 -1.10 24.04
N TRP C 22 4.39 -2.12 24.80
CA TRP C 22 5.20 -3.15 24.18
C TRP C 22 4.57 -4.54 24.33
N PRO C 23 4.53 -5.40 23.27
CA PRO C 23 3.94 -6.73 23.43
C PRO C 23 4.71 -7.58 24.45
N ALA C 24 4.00 -8.16 25.43
CA ALA C 24 4.67 -8.82 26.55
C ALA C 24 3.78 -9.93 27.11
N ARG C 25 4.32 -10.75 28.00
CA ARG C 25 3.49 -11.67 28.78
C ARG C 25 3.91 -11.61 30.26
N ILE C 26 2.96 -11.93 31.14
CA ILE C 26 3.21 -12.16 32.57
C ILE C 26 4.00 -13.47 32.74
N ASP C 27 5.11 -13.41 33.47
CA ASP C 27 5.87 -14.60 33.81
C ASP C 27 5.47 -15.12 35.20
N ASP C 28 5.94 -16.33 35.53
CA ASP C 28 5.77 -16.92 36.85
C ASP C 28 6.88 -16.41 37.78
N PRO C 36 10.59 -10.07 44.06
CA PRO C 36 9.65 -9.18 43.37
C PRO C 36 9.36 -7.97 44.24
N PRO C 37 9.43 -6.72 43.71
CA PRO C 37 9.07 -5.55 44.50
C PRO C 37 7.58 -5.66 44.81
N PRO C 38 7.08 -5.01 45.90
CA PRO C 38 5.68 -5.15 46.30
C PRO C 38 4.75 -4.66 45.20
N ASN C 39 3.73 -5.49 44.92
CA ASN C 39 2.66 -5.20 43.98
C ASN C 39 3.16 -5.06 42.54
N LYS C 40 4.30 -5.70 42.21
CA LYS C 40 4.84 -5.71 40.86
C LYS C 40 4.73 -7.11 40.24
N TYR C 41 4.48 -7.16 38.92
CA TYR C 41 4.42 -8.43 38.19
C TYR C 41 5.72 -8.63 37.41
N PRO C 42 6.21 -9.88 37.24
CA PRO C 42 7.38 -10.16 36.40
C PRO C 42 6.92 -10.22 34.93
N ILE C 43 7.58 -9.42 34.08
CA ILE C 43 7.19 -9.24 32.69
C ILE C 43 8.31 -9.73 31.78
N PHE C 44 7.93 -10.45 30.72
CA PHE C 44 8.84 -10.83 29.65
C PHE C 44 8.39 -10.09 28.38
N PHE C 45 9.33 -9.38 27.75
CA PHE C 45 8.99 -8.53 26.62
C PHE C 45 9.26 -9.35 25.37
N PHE C 46 8.24 -9.51 24.49
CA PHE C 46 8.49 -10.22 23.24
C PHE C 46 9.41 -9.38 22.35
N GLY C 47 10.10 -10.05 21.43
CA GLY C 47 11.02 -9.36 20.55
C GLY C 47 12.40 -9.18 21.20
N THR C 48 12.50 -8.36 22.26
CA THR C 48 13.77 -8.18 22.94
C THR C 48 14.09 -9.40 23.82
N HIS C 49 13.06 -10.08 24.31
CA HIS C 49 13.22 -11.23 25.19
C HIS C 49 13.82 -10.85 26.56
N GLU C 50 13.69 -9.60 26.99
CA GLU C 50 14.21 -9.16 28.29
C GLU C 50 13.06 -9.13 29.28
N THR C 51 13.37 -8.89 30.56
CA THR C 51 12.38 -8.98 31.63
C THR C 51 12.52 -7.74 32.51
N ALA C 52 11.42 -7.41 33.20
CA ALA C 52 11.34 -6.31 34.15
C ALA C 52 10.17 -6.52 35.10
N PHE C 53 10.08 -5.67 36.14
CA PHE C 53 8.95 -5.68 37.06
C PHE C 53 8.09 -4.45 36.79
N LEU C 54 6.78 -4.66 36.69
CA LEU C 54 5.89 -3.55 36.42
C LEU C 54 4.63 -3.69 37.26
N GLY C 55 4.01 -2.55 37.58
CA GLY C 55 2.76 -2.54 38.32
C GLY C 55 1.57 -2.70 37.38
N PRO C 56 0.38 -3.05 37.94
CA PRO C 56 -0.82 -3.30 37.15
C PRO C 56 -1.20 -2.17 36.18
N LYS C 57 -0.97 -0.92 36.58
CA LYS C 57 -1.43 0.22 35.81
C LYS C 57 -0.61 0.38 34.53
N ASP C 58 0.49 -0.39 34.42
CA ASP C 58 1.40 -0.30 33.29
C ASP C 58 1.09 -1.39 32.29
N LEU C 59 0.04 -2.19 32.56
CA LEU C 59 -0.24 -3.39 31.80
C LEU C 59 -1.62 -3.32 31.16
N PHE C 60 -1.75 -3.91 29.97
CA PHE C 60 -2.97 -3.81 29.16
C PHE C 60 -3.23 -5.18 28.52
N PRO C 61 -4.38 -5.83 28.82
CA PRO C 61 -4.68 -7.15 28.25
C PRO C 61 -4.57 -7.06 26.73
N TYR C 62 -3.93 -8.08 26.13
CA TYR C 62 -3.56 -8.09 24.73
C TYR C 62 -4.80 -8.01 23.83
N ASP C 63 -5.77 -8.89 24.07
CA ASP C 63 -6.96 -8.94 23.22
C ASP C 63 -7.73 -7.62 23.24
N LYS C 64 -7.80 -6.98 24.41
CA LYS C 64 -8.58 -5.77 24.60
C LYS C 64 -7.92 -4.56 23.94
N SER C 65 -6.57 -4.54 23.88
CA SER C 65 -5.87 -3.32 23.48
C SER C 65 -5.02 -3.45 22.19
N LYS C 66 -5.03 -4.60 21.53
CA LYS C 66 -4.17 -4.73 20.35
C LYS C 66 -4.59 -3.77 19.24
N ASP C 67 -5.89 -3.48 19.12
CA ASP C 67 -6.36 -2.60 18.05
C ASP C 67 -5.64 -1.25 18.15
N LYS C 68 -5.29 -0.83 19.39
CA LYS C 68 -4.64 0.45 19.66
C LYS C 68 -3.10 0.35 19.73
N TYR C 69 -2.56 -0.73 20.32
CA TYR C 69 -1.11 -0.79 20.52
C TYR C 69 -0.41 -1.74 19.54
N GLY C 70 -1.17 -2.68 18.94
CA GLY C 70 -0.56 -3.69 18.08
C GLY C 70 -0.45 -3.14 16.66
N LYS C 71 0.51 -2.24 16.48
CA LYS C 71 0.83 -1.68 15.18
C LYS C 71 2.34 -1.50 15.12
N PRO C 72 2.98 -1.65 13.94
CA PRO C 72 4.43 -1.61 13.87
C PRO C 72 5.06 -0.32 14.41
N ASN C 73 6.30 -0.47 14.86
CA ASN C 73 7.14 0.71 14.95
C ASN C 73 8.60 0.27 14.86
N LYS C 74 9.46 1.29 14.76
CA LYS C 74 10.82 1.04 14.32
C LYS C 74 11.72 0.74 15.50
N ARG C 75 11.17 0.75 16.72
CA ARG C 75 12.02 0.50 17.89
C ARG C 75 12.58 -0.93 17.82
N LYS C 76 13.84 -1.08 18.24
CA LYS C 76 14.56 -2.35 18.15
C LYS C 76 13.77 -3.47 18.79
N GLY C 77 13.43 -4.49 17.99
CA GLY C 77 12.88 -5.73 18.54
C GLY C 77 11.34 -5.76 18.51
N PHE C 78 10.73 -4.60 18.22
CA PHE C 78 9.32 -4.37 18.39
C PHE C 78 8.53 -5.25 17.41
N ASN C 79 8.89 -5.17 16.12
CA ASN C 79 8.08 -5.87 15.11
C ASN C 79 8.22 -7.39 15.23
N GLU C 80 9.40 -7.85 15.58
CA GLU C 80 9.51 -9.26 15.89
C GLU C 80 8.60 -9.61 17.08
N GLY C 81 8.61 -8.76 18.12
CA GLY C 81 7.73 -9.02 19.26
C GLY C 81 6.26 -9.09 18.86
N LEU C 82 5.82 -8.20 17.94
CA LEU C 82 4.43 -8.26 17.45
C LEU C 82 4.14 -9.63 16.84
N TRP C 83 5.08 -10.15 16.02
CA TRP C 83 4.89 -11.45 15.40
C TRP C 83 4.74 -12.54 16.47
N GLU C 84 5.57 -12.48 17.52
CA GLU C 84 5.57 -13.49 18.58
C GLU C 84 4.26 -13.48 19.35
N ILE C 85 3.79 -12.29 19.75
CA ILE C 85 2.58 -12.22 20.56
C ILE C 85 1.38 -12.80 19.79
N GLN C 86 1.39 -12.64 18.47
CA GLN C 86 0.30 -13.15 17.62
C GLN C 86 0.44 -14.64 17.27
N ASN C 87 1.65 -15.11 17.01
CA ASN C 87 1.90 -16.37 16.33
C ASN C 87 2.68 -17.39 17.18
N ASN C 88 3.41 -16.96 18.23
CA ASN C 88 4.18 -17.95 18.99
C ASN C 88 4.30 -17.53 20.45
N PRO C 89 3.17 -17.18 21.12
CA PRO C 89 3.24 -16.43 22.37
C PRO C 89 3.69 -17.16 23.63
N HIS C 90 3.66 -18.50 23.57
CA HIS C 90 3.98 -19.29 24.75
C HIS C 90 5.19 -20.18 24.50
N ALA C 91 5.95 -19.91 23.44
CA ALA C 91 7.23 -20.57 23.24
C ALA C 91 8.24 -20.13 24.30
N SER C 92 9.41 -20.79 24.31
CA SER C 92 10.42 -20.68 25.35
C SER C 92 11.21 -19.36 25.26
N TYR C 93 11.86 -19.13 24.11
CA TYR C 93 12.70 -17.97 23.87
C TYR C 93 13.80 -17.88 24.94
S SO4 D . 19.65 -5.23 5.46
O1 SO4 D . 19.65 -3.84 5.08
O2 SO4 D . 18.63 -5.95 4.73
O3 SO4 D . 20.94 -5.81 5.18
O4 SO4 D . 19.37 -5.34 6.87
S SO4 E . 19.14 -16.60 -2.96
O1 SO4 E . 18.72 -15.70 -4.00
O2 SO4 E . 18.79 -17.95 -3.35
O3 SO4 E . 20.57 -16.49 -2.79
O4 SO4 E . 18.49 -16.28 -1.72
C1 EDO F . 0.67 1.02 -1.36
O1 EDO F . -0.66 1.26 -0.91
C2 EDO F . 0.73 0.89 -2.83
O2 EDO F . 0.09 -0.28 -3.31
S SO4 G . 11.40 -4.88 10.76
O1 SO4 G . 10.25 -4.32 10.13
O2 SO4 G . 12.58 -4.22 10.24
O3 SO4 G . 11.32 -4.69 12.19
O4 SO4 G . 11.49 -6.29 10.45
S SO4 H . -3.79 1.32 -22.89
O1 SO4 H . -4.60 2.52 -23.04
O2 SO4 H . -2.46 1.55 -23.39
O3 SO4 H . -3.70 0.94 -21.49
O4 SO4 H . -4.42 0.28 -23.65
S SO4 I . 6.23 16.00 -14.08
O1 SO4 I . 4.94 16.27 -13.53
O2 SO4 I . 7.09 17.16 -13.86
O3 SO4 I . 6.79 14.85 -13.43
O4 SO4 I . 6.13 15.75 -15.51
N1 A1A35 J . -6.01 12.13 -14.40
N3 A1A35 J . -7.09 14.45 -10.02
C4 A1A35 J . -7.43 12.22 -12.43
C5 A1A35 J . -5.11 13.00 -12.30
C6 A1A35 J . -5.02 11.90 -13.34
C7 A1A35 J . -6.62 13.22 -10.35
C8 A1A35 J . -8.44 14.94 -10.32
O1 A1A35 J . -6.37 12.37 -9.51
C9 A1A35 J . -6.23 15.39 -9.30
N2 A1A35 J . -6.45 13.00 -11.68
C3 A1A35 J . -7.33 12.54 -13.89
C2 A1A35 J . -6.00 11.33 -15.49
O A1A35 J . -6.94 10.61 -15.79
N A1A35 J . -4.88 11.37 -16.23
C1 A1A35 J . -4.80 10.47 -17.35
C A1A35 J . -3.75 12.31 -16.07
S SO4 K . 6.17 8.81 28.54
O1 SO4 K . 4.87 9.43 28.47
O2 SO4 K . 6.62 8.51 27.21
O3 SO4 K . 7.11 9.72 29.16
O4 SO4 K . 6.10 7.60 29.30
N1 A1A35 L . 12.82 -3.83 28.41
N3 A1A35 L . 15.45 -4.06 32.69
C4 A1A35 L . 14.38 -4.73 30.08
C5 A1A35 L . 13.97 -2.31 29.93
C6 A1A35 L . 13.82 -2.76 28.50
C7 A1A35 L . 14.82 -3.08 31.99
C8 A1A35 L . 14.96 -4.55 33.98
O1 A1A35 L . 14.65 -1.95 32.44
C9 A1A35 L . 16.70 -4.68 32.21
N2 A1A35 L . 14.35 -3.44 30.77
C3 A1A35 L . 13.08 -4.96 29.32
C2 A1A35 L . 12.46 -4.11 27.13
O A1A35 L . 12.87 -5.08 26.54
N A1A35 L . 11.64 -3.24 26.51
C1 A1A35 L . 10.53 -2.54 27.17
C A1A35 L . 11.80 -2.98 25.08
#